data_3JZY
#
_entry.id   3JZY
#
_cell.length_a   54.125
_cell.length_b   54.125
_cell.length_c   196.709
_cell.angle_alpha   90.000
_cell.angle_beta   90.000
_cell.angle_gamma   90.000
#
_symmetry.space_group_name_H-M   'I 41 2 2'
#
loop_
_entity.id
_entity.type
_entity.pdbx_description
1 polymer 'Intersectin 2'
2 non-polymer 'UNKNOWN ATOM OR ION'
3 water water
#
_entity_poly.entity_id   1
_entity_poly.type   'polypeptide(L)'
_entity_poly.pdbx_seq_one_letter_code
;MHHHHHHSSGRENLYFQGDTMQPIERKRQGYIHELIQTEERYMADLQLVVEVFQKRMAESGFLTEGEMALIFVNWKELIM
SNTKLLKALRVRKKTGGEKMPVQMIGDILAAELSHMQAYIRFCSCQLNGAALLQQKTDEDTDFKEFLKKLASDPRCKGMP
LSSFLLKPMQRITRYPLLIRSILENTPESHADHSSLKLALERAEELCSQVNEGVREKENSDRLEWIQAHVQCEGLAEQLI
FNSLTNCLGPRKLLHSGKLYKTKSNKELHGFLFNDFLLLTYMVKQFAVSSGSEKLFSSKSNAQFKMYKTPIFLNEVLVKL
PTDPSSDEPVFHISHIDRVYTLRTDNINERTAWVQKIKAASEQYIDTEKKQREKAYQARSQKTSGIGRLMVHVIEATELK
ACKPNGKSNPYCEISMGSQSYTTRTIQDTLNPKWNFNCQFFIKDLYQDVLCLTLFDRDQFSPDDFLGRTEIPVAKIRTEQ
ESKGPMTRRLLLHEVPTGEVWVRFDLQLFE
;
_entity_poly.pdbx_strand_id   A
#
# COMPACT_ATOMS: atom_id res chain seq x y z
N ILE A 386 1.57 7.07 -20.98
CA ILE A 386 0.54 8.15 -20.92
C ILE A 386 0.62 8.94 -19.61
N GLY A 387 1.35 8.37 -18.64
CA GLY A 387 1.59 9.11 -17.44
C GLY A 387 2.43 8.39 -16.41
N ARG A 388 2.56 9.04 -15.27
CA ARG A 388 3.38 8.59 -14.15
C ARG A 388 2.57 8.73 -12.88
N LEU A 389 2.66 7.74 -12.02
CA LEU A 389 2.00 7.78 -10.73
C LEU A 389 3.00 7.67 -9.63
N MET A 390 3.06 8.71 -8.80
CA MET A 390 3.88 8.64 -7.60
C MET A 390 3.04 8.10 -6.45
N VAL A 391 3.62 7.17 -5.70
CA VAL A 391 2.94 6.59 -4.56
C VAL A 391 3.80 6.81 -3.35
N HIS A 392 3.22 7.47 -2.33
CA HIS A 392 3.89 7.71 -1.05
C HIS A 392 3.23 6.84 -0.03
N VAL A 393 3.91 5.75 0.34
CA VAL A 393 3.33 4.85 1.36
C VAL A 393 3.84 5.30 2.70
N ILE A 394 3.01 5.99 3.47
CA ILE A 394 3.45 6.70 4.65
C ILE A 394 3.56 5.75 5.83
N GLU A 395 2.45 5.09 6.17
CA GLU A 395 2.46 4.28 7.36
C GLU A 395 1.24 3.38 7.29
N ALA A 396 1.14 2.44 8.21
CA ALA A 396 -0.10 1.67 8.39
C ALA A 396 -0.40 1.68 9.85
N THR A 397 -1.65 1.51 10.19
CA THR A 397 -2.06 1.52 11.59
C THR A 397 -2.97 0.34 11.89
N GLU A 398 -2.91 -0.11 13.14
CA GLU A 398 -3.80 -1.15 13.66
C GLU A 398 -3.70 -2.47 12.87
N LEU A 399 -2.48 -2.85 12.50
CA LEU A 399 -2.25 -4.11 11.79
C LEU A 399 -2.48 -5.32 12.68
N LYS A 400 -2.78 -6.43 12.02
CA LYS A 400 -2.92 -7.72 12.67
C LYS A 400 -1.60 -8.14 13.32
N ALA A 401 -1.65 -8.67 14.55
CA ALA A 401 -0.48 -9.23 15.25
C ALA A 401 -0.16 -10.68 14.82
N CYS A 402 1.13 -10.99 14.61
CA CYS A 402 1.55 -12.31 14.14
C CYS A 402 2.52 -13.01 15.08
N LYS A 403 3.13 -12.26 15.99
CA LYS A 403 4.18 -12.81 16.90
C LYS A 403 3.64 -13.07 18.34
N PRO A 404 4.31 -13.96 19.11
CA PRO A 404 3.84 -14.25 20.49
C PRO A 404 3.79 -13.02 21.40
N ASN A 405 4.55 -11.99 21.09
CA ASN A 405 4.59 -10.77 21.89
C ASN A 405 3.47 -9.79 21.52
N GLY A 406 2.58 -10.20 20.63
CA GLY A 406 1.45 -9.35 20.23
C GLY A 406 1.79 -8.29 19.19
N LYS A 407 3.00 -8.36 18.67
CA LYS A 407 3.38 -7.41 17.60
C LYS A 407 3.53 -8.13 16.25
N SER A 408 3.97 -7.37 15.23
CA SER A 408 4.30 -7.92 13.93
C SER A 408 5.55 -7.24 13.43
N ASN A 409 6.09 -7.72 12.31
CA ASN A 409 7.20 -7.05 11.66
C ASN A 409 6.74 -6.77 10.23
N PRO A 410 6.08 -5.63 9.99
CA PRO A 410 5.40 -5.44 8.71
C PRO A 410 6.22 -4.82 7.57
N TYR A 411 5.85 -5.26 6.36
CA TYR A 411 6.31 -4.61 5.14
C TYR A 411 5.11 -4.50 4.19
N CYS A 412 5.25 -3.63 3.18
CA CYS A 412 4.21 -3.43 2.20
C CYS A 412 4.77 -3.63 0.81
N GLU A 413 4.03 -4.39 -0.02
CA GLU A 413 4.36 -4.50 -1.43
C GLU A 413 3.38 -3.63 -2.20
N ILE A 414 3.90 -2.85 -3.15
CA ILE A 414 3.06 -1.93 -3.97
C ILE A 414 3.26 -2.38 -5.40
N SER A 415 2.19 -2.79 -6.06
CA SER A 415 2.29 -3.41 -7.40
C SER A 415 1.24 -2.95 -8.38
N MET A 416 1.58 -3.01 -9.67
CA MET A 416 0.69 -2.66 -10.75
C MET A 416 1.19 -3.42 -11.97
N GLY A 417 0.50 -4.50 -12.36
CA GLY A 417 1.04 -5.40 -13.38
C GLY A 417 2.46 -5.83 -13.06
N SER A 418 3.33 -5.69 -14.06
CA SER A 418 4.75 -6.14 -13.89
C SER A 418 5.58 -5.27 -12.99
N GLN A 419 5.09 -4.09 -12.61
CA GLN A 419 5.87 -3.21 -11.74
C GLN A 419 5.61 -3.46 -10.29
N SER A 420 6.64 -3.56 -9.47
CA SER A 420 6.43 -3.64 -8.04
C SER A 420 7.60 -3.09 -7.21
N TYR A 421 7.26 -2.65 -6.01
CA TYR A 421 8.23 -2.21 -5.03
C TYR A 421 7.87 -2.82 -3.72
N THR A 422 8.86 -2.97 -2.85
CA THR A 422 8.61 -3.45 -1.50
CA THR A 422 8.57 -3.41 -1.49
C THR A 422 9.27 -2.50 -0.52
N THR A 423 8.53 -2.14 0.54
CA THR A 423 9.13 -1.35 1.63
C THR A 423 10.07 -2.23 2.46
N ARG A 424 10.87 -1.61 3.32
CA ARG A 424 11.61 -2.35 4.30
C ARG A 424 10.60 -2.90 5.34
N THR A 425 11.06 -3.89 6.09
CA THR A 425 10.29 -4.43 7.20
C THR A 425 10.66 -3.64 8.45
N ILE A 426 9.64 -3.19 9.19
CA ILE A 426 9.88 -2.52 10.44
CA ILE A 426 9.83 -2.49 10.45
C ILE A 426 9.63 -3.49 11.57
N GLN A 427 10.58 -3.60 12.48
CA GLN A 427 10.47 -4.56 13.60
C GLN A 427 9.48 -4.15 14.69
N ASP A 428 8.66 -5.12 15.09
CA ASP A 428 7.96 -5.08 16.38
C ASP A 428 6.97 -3.92 16.50
N THR A 429 6.07 -3.84 15.53
CA THR A 429 5.08 -2.77 15.52
C THR A 429 3.81 -3.21 14.79
N LEU A 430 2.68 -2.69 15.27
CA LEU A 430 1.42 -2.79 14.53
C LEU A 430 1.11 -1.47 13.80
N ASN A 431 2.01 -0.50 13.94
CA ASN A 431 1.83 0.83 13.37
C ASN A 431 3.09 1.32 12.65
N PRO A 432 3.51 0.57 11.62
CA PRO A 432 4.82 0.86 10.98
C PRO A 432 4.75 2.16 10.20
N LYS A 433 5.82 2.94 10.28
CA LYS A 433 5.96 4.16 9.48
C LYS A 433 7.10 3.94 8.52
N TRP A 434 6.79 3.73 7.26
CA TRP A 434 7.83 3.51 6.28
C TRP A 434 8.31 4.77 5.57
N ASN A 435 7.41 5.69 5.29
CA ASN A 435 7.77 6.86 4.45
C ASN A 435 8.48 6.48 3.15
N PHE A 436 7.85 5.59 2.43
CA PHE A 436 8.46 4.97 1.27
C PHE A 436 7.84 5.59 0.04
N ASN A 437 8.65 5.98 -0.91
CA ASN A 437 8.16 6.62 -2.14
C ASN A 437 8.57 5.83 -3.36
N CYS A 438 7.62 5.68 -4.27
CA CYS A 438 7.94 4.95 -5.50
C CYS A 438 7.18 5.49 -6.68
N GLN A 439 7.59 5.13 -7.90
CA GLN A 439 7.00 5.65 -9.13
C GLN A 439 6.55 4.54 -10.08
N PHE A 440 5.35 4.69 -10.66
CA PHE A 440 4.89 3.78 -11.68
C PHE A 440 4.64 4.47 -13.00
N PHE A 441 4.93 3.77 -14.07
CA PHE A 441 4.54 4.23 -15.41
CA PHE A 441 4.57 4.20 -15.43
C PHE A 441 3.13 3.72 -15.68
N ILE A 442 2.28 4.59 -16.21
CA ILE A 442 0.89 4.22 -16.45
C ILE A 442 0.72 3.95 -17.93
N LYS A 443 0.22 2.75 -18.27
CA LYS A 443 0.08 2.34 -19.68
C LYS A 443 -1.35 2.47 -20.19
N ASP A 444 -2.31 2.26 -19.28
CA ASP A 444 -3.72 2.29 -19.61
C ASP A 444 -4.48 2.84 -18.43
N LEU A 445 -4.88 4.09 -18.54
CA LEU A 445 -5.58 4.80 -17.46
C LEU A 445 -6.80 4.02 -16.98
N TYR A 446 -7.52 3.42 -17.93
CA TYR A 446 -8.80 2.81 -17.59
C TYR A 446 -8.69 1.31 -17.28
N GLN A 447 -7.48 0.76 -17.32
CA GLN A 447 -7.24 -0.64 -16.99
C GLN A 447 -6.30 -0.84 -15.79
N ASP A 448 -5.36 0.08 -15.59
CA ASP A 448 -4.34 -0.10 -14.55
C ASP A 448 -4.90 0.01 -13.14
N VAL A 449 -4.45 -0.90 -12.29
CA VAL A 449 -4.91 -0.98 -10.89
C VAL A 449 -3.70 -1.05 -9.98
N LEU A 450 -3.65 -0.16 -9.00
CA LEU A 450 -2.58 -0.14 -8.02
C LEU A 450 -2.99 -1.01 -6.84
N CYS A 451 -2.12 -1.92 -6.43
CA CYS A 451 -2.39 -2.82 -5.30
CA CYS A 451 -2.39 -2.80 -5.30
C CYS A 451 -1.37 -2.60 -4.20
N LEU A 452 -1.86 -2.60 -2.95
CA LEU A 452 -0.97 -2.59 -1.78
CA LEU A 452 -1.02 -2.55 -1.76
C LEU A 452 -1.30 -3.81 -0.97
N THR A 453 -0.27 -4.58 -0.67
CA THR A 453 -0.44 -5.81 0.04
C THR A 453 0.54 -5.81 1.22
N LEU A 454 0.03 -6.11 2.41
CA LEU A 454 0.91 -6.04 3.61
C LEU A 454 1.22 -7.42 4.09
N PHE A 455 2.44 -7.60 4.59
CA PHE A 455 2.92 -8.89 5.03
C PHE A 455 3.69 -8.73 6.33
N ASP A 456 3.72 -9.80 7.14
CA ASP A 456 4.61 -9.89 8.30
C ASP A 456 5.86 -10.67 7.88
N ARG A 457 7.05 -10.22 8.30
CA ARG A 457 8.30 -10.93 8.04
C ARG A 457 8.93 -11.35 9.40
N ASP A 458 8.81 -12.61 9.79
CA ASP A 458 9.47 -13.06 11.02
CA ASP A 458 9.37 -13.11 11.03
C ASP A 458 10.27 -14.32 10.72
N GLN A 459 10.74 -15.01 11.74
CA GLN A 459 11.68 -16.12 11.50
C GLN A 459 11.09 -17.33 10.77
N PHE A 460 9.77 -17.43 10.73
CA PHE A 460 9.10 -18.60 10.13
C PHE A 460 8.41 -18.32 8.80
N SER A 461 8.48 -19.29 7.90
CA SER A 461 7.71 -19.17 6.65
CA SER A 461 7.74 -19.25 6.62
C SER A 461 6.33 -19.80 6.88
N PRO A 462 5.30 -19.29 6.17
CA PRO A 462 5.23 -18.22 5.19
C PRO A 462 5.16 -16.85 5.88
N ASP A 463 5.49 -15.78 5.16
CA ASP A 463 5.22 -14.43 5.62
C ASP A 463 3.70 -14.25 5.73
N ASP A 464 3.20 -13.93 6.92
CA ASP A 464 1.77 -13.89 7.17
C ASP A 464 1.11 -12.69 6.45
N PHE A 465 -0.02 -12.96 5.82
CA PHE A 465 -0.81 -11.93 5.12
C PHE A 465 -1.47 -11.01 6.10
N LEU A 466 -1.29 -9.71 5.90
CA LEU A 466 -1.85 -8.72 6.77
C LEU A 466 -2.87 -7.83 6.07
N GLY A 467 -3.28 -8.21 4.86
CA GLY A 467 -4.40 -7.48 4.21
C GLY A 467 -3.97 -6.81 2.92
N ARG A 468 -4.95 -6.42 2.10
CA ARG A 468 -4.65 -5.82 0.81
CA ARG A 468 -4.60 -5.75 0.86
C ARG A 468 -5.68 -4.77 0.45
N THR A 469 -5.32 -3.87 -0.46
CA THR A 469 -6.30 -2.94 -0.99
C THR A 469 -5.91 -2.63 -2.41
N GLU A 470 -6.88 -2.29 -3.22
N GLU A 470 -6.88 -2.32 -3.26
CA GLU A 470 -6.65 -2.04 -4.61
CA GLU A 470 -6.64 -2.14 -4.69
C GLU A 470 -7.32 -0.72 -4.93
C GLU A 470 -7.42 -0.92 -5.19
N ILE A 471 -6.71 -0.01 -5.86
CA ILE A 471 -7.26 1.27 -6.29
CA ILE A 471 -7.37 1.21 -6.36
C ILE A 471 -7.07 1.41 -7.82
N PRO A 472 -8.14 1.45 -8.63
CA PRO A 472 -7.95 1.71 -10.08
C PRO A 472 -7.32 3.07 -10.28
N VAL A 473 -6.37 3.17 -11.22
CA VAL A 473 -5.74 4.46 -11.50
C VAL A 473 -6.80 5.50 -11.94
N ALA A 474 -7.87 5.04 -12.60
CA ALA A 474 -8.95 5.93 -12.99
C ALA A 474 -9.56 6.62 -11.77
N LYS A 475 -9.70 5.90 -10.67
CA LYS A 475 -10.24 6.46 -9.43
CA LYS A 475 -10.24 6.48 -9.45
C LYS A 475 -9.26 7.44 -8.81
N ILE A 476 -7.96 7.10 -8.86
CA ILE A 476 -6.94 8.05 -8.38
C ILE A 476 -7.08 9.36 -9.13
N ARG A 477 -7.28 9.27 -10.43
CA ARG A 477 -7.39 10.46 -11.27
C ARG A 477 -8.55 11.35 -10.85
N THR A 478 -9.70 10.73 -10.60
CA THR A 478 -10.92 11.50 -10.29
C THR A 478 -10.92 12.02 -8.85
N GLU A 479 -10.35 11.25 -7.93
CA GLU A 479 -10.08 11.67 -6.54
C GLU A 479 -9.12 12.88 -6.48
N GLN A 480 -8.08 12.87 -7.30
CA GLN A 480 -7.10 13.96 -7.34
C GLN A 480 -7.71 15.25 -7.86
N GLU A 481 -8.59 15.12 -8.84
CA GLU A 481 -9.35 16.22 -9.40
C GLU A 481 -10.32 16.80 -8.35
N SER A 482 -10.91 15.93 -7.53
CA SER A 482 -11.96 16.32 -6.57
C SER A 482 -11.40 16.92 -5.26
N LYS A 483 -10.31 16.33 -4.78
CA LYS A 483 -9.84 16.57 -3.42
C LYS A 483 -8.44 17.17 -3.32
N GLY A 484 -7.70 17.15 -4.42
CA GLY A 484 -6.33 17.63 -4.42
C GLY A 484 -5.39 16.62 -3.79
N PRO A 485 -4.19 17.05 -3.35
N PRO A 485 -4.19 17.10 -3.43
CA PRO A 485 -3.19 16.06 -2.92
CA PRO A 485 -3.28 16.25 -2.73
C PRO A 485 -3.33 15.56 -1.46
C PRO A 485 -3.94 15.99 -1.38
N MET A 486 -4.49 15.05 -1.09
N MET A 486 -4.28 14.75 -1.15
CA MET A 486 -4.69 14.61 0.29
CA MET A 486 -4.74 14.38 0.15
C MET A 486 -4.11 13.21 0.54
C MET A 486 -4.04 13.10 0.52
N THR A 487 -3.78 12.93 1.81
CA THR A 487 -3.40 11.62 2.28
C THR A 487 -4.71 10.84 2.43
N ARG A 488 -4.71 9.65 1.87
CA ARG A 488 -5.88 8.74 1.88
C ARG A 488 -5.60 7.68 2.93
N ARG A 489 -6.62 7.32 3.68
CA ARG A 489 -6.54 6.16 4.57
C ARG A 489 -7.34 5.10 3.84
N LEU A 490 -6.70 3.97 3.60
CA LEU A 490 -7.33 2.84 2.85
C LEU A 490 -7.48 1.67 3.81
N LEU A 491 -8.71 1.18 3.94
CA LEU A 491 -8.96 0.00 4.77
C LEU A 491 -8.37 -1.25 4.10
N LEU A 492 -7.67 -2.07 4.88
CA LEU A 492 -7.18 -3.34 4.37
C LEU A 492 -8.29 -4.39 4.34
N HIS A 493 -8.41 -5.06 3.20
CA HIS A 493 -9.37 -6.15 3.02
C HIS A 493 -8.72 -7.53 3.25
N GLU A 494 -9.51 -8.58 3.37
N GLU A 494 -9.61 -8.50 3.48
CA GLU A 494 -8.96 -9.97 3.51
CA GLU A 494 -9.34 -9.96 3.74
C GLU A 494 -8.05 -10.07 4.75
C GLU A 494 -8.41 -10.23 4.89
N VAL A 495 -8.37 -9.24 5.76
CA VAL A 495 -7.71 -9.32 7.07
C VAL A 495 -8.73 -8.62 8.00
N PRO A 496 -8.72 -8.94 9.32
CA PRO A 496 -9.76 -8.34 10.20
C PRO A 496 -9.63 -6.88 10.65
N THR A 497 -8.43 -6.31 10.60
CA THR A 497 -8.14 -4.93 11.14
C THR A 497 -7.01 -4.37 10.28
N GLY A 498 -6.78 -3.03 10.26
CA GLY A 498 -5.59 -2.46 9.55
C GLY A 498 -6.00 -1.45 8.50
N GLU A 499 -5.22 -0.37 8.43
CA GLU A 499 -5.43 0.73 7.46
CA GLU A 499 -5.39 0.60 7.36
C GLU A 499 -4.04 1.12 6.96
N VAL A 500 -3.94 1.51 5.70
CA VAL A 500 -2.70 2.04 5.17
C VAL A 500 -2.91 3.47 4.69
N TRP A 501 -1.92 4.33 4.98
CA TRP A 501 -2.03 5.76 4.76
C TRP A 501 -1.10 6.07 3.61
N VAL A 502 -1.66 6.61 2.54
CA VAL A 502 -0.91 6.79 1.30
CA VAL A 502 -0.93 6.77 1.26
C VAL A 502 -1.30 8.07 0.63
N ARG A 503 -0.36 8.69 -0.06
CA ARG A 503 -0.69 9.84 -0.90
C ARG A 503 -0.32 9.47 -2.34
N PHE A 504 -1.26 9.67 -3.26
CA PHE A 504 -1.02 9.45 -4.70
C PHE A 504 -0.82 10.76 -5.40
N ASP A 505 0.10 10.76 -6.36
CA ASP A 505 0.21 11.87 -7.26
C ASP A 505 0.26 11.39 -8.71
N LEU A 506 -0.83 11.58 -9.42
CA LEU A 506 -0.91 11.18 -10.81
C LEU A 506 -0.61 12.34 -11.76
N GLN A 507 0.42 12.15 -12.60
CA GLN A 507 0.82 13.16 -13.60
C GLN A 507 0.63 12.53 -14.96
N LEU A 508 -0.40 12.93 -15.68
CA LEU A 508 -0.67 12.38 -17.03
C LEU A 508 -0.10 13.28 -18.11
N PHE A 509 0.59 12.65 -19.07
CA PHE A 509 1.09 13.38 -20.25
C PHE A 509 -0.03 13.40 -21.28
#